data_7JUX
#
_entry.id   7JUX
#
_cell.length_a   137.470
_cell.length_b   137.470
_cell.length_c   221.800
_cell.angle_alpha   90.00
_cell.angle_beta   90.00
_cell.angle_gamma   120.00
#
_symmetry.space_group_name_H-M   'P 61 2 2'
#
loop_
_entity.id
_entity.type
_entity.pdbx_description
1 polymer 'Kinase suppressor of Ras 1'
2 polymer 'Dual specificity mitogen-activated protein kinase kinase 1'
3 non-polymer 'PHOSPHOAMINOPHOSPHONIC ACID-ADENYLATE ESTER'
4 non-polymer 'MAGNESIUM ION'
5 non-polymer Trametinib
6 water water
#
loop_
_entity_poly.entity_id
_entity_poly.type
_entity_poly.pdbx_seq_one_letter_code
_entity_poly.pdbx_strand_id
1 'polypeptide(L)'
;MSYYHHHHHHDYDIPTTENLYFQGAPISRKASQTSVYLQEWDIPFEQVELGEPIGQGRWGRVHRGRWHGEVAIRLLEMDG
HNQDHLKLFKKEVMNYRQTRHENVVLFMGACMNPPHLAIITSFCKGRTLHSFVRDPKTSLDINKTRQIAQEIIKGMGYLH
AKGIVHKDLKSKNVFYDNGKVVITDFGLFGISGVVREGRRENQLKLSHDWLCYLAPEIVREMTPGKDEDQLPFSKAADVY
AFGTVWYELQARDWPLKNQAAEASIWQIGSGEGMKRVLTSVSLGKEVSEILSACWAFDLQERPSFSLLMDMLEKLPKLNR
RLSHPGHFWKSAEI
;
A
2 'polypeptide(L)'
;MSYYHHHHHHDYDIPTTENLYFQGAKKLEELELDEQQRKRLEAFLTQKQKVGELKDDDFEKISELGAGNGGVVFKVSHKP
SGLVMARKLIHLEIKPAIRNQIIRELQVLHECNSPYIVGFYGAFYSDGEISICMEHMDGGSLDQVLKKAGRIPEQILGKV
SIAVIKGLTYLREKHKIMHRDVKPSNILVNSRGEIKLCDFGVSGQLIDSMANSFVGTRSYMSPERLQGTHYSVQSDIWSM
GLSLVEMAVGRYPIPPPDAKELELMFGCQVEGDAAETPPRPRTPGRPLSSYGMDSRPPMAIFELLDYIVNEPPPKLPSAV
FSLEFQDFVNKCLIKNPAERADLKQLMVHAFIKRSDAEEVDFAGWLCSTIGLNQPSTPTHAAGV
;
C
#
# COMPACT_ATOMS: atom_id res chain seq x y z
N SER A 35 -34.98 -7.31 -11.02
CA SER A 35 -34.99 -8.48 -10.15
C SER A 35 -35.00 -9.78 -10.96
N VAL A 36 -33.99 -10.62 -10.75
CA VAL A 36 -33.92 -11.96 -11.33
C VAL A 36 -33.71 -12.94 -10.19
N TYR A 37 -34.37 -14.09 -10.27
CA TYR A 37 -34.37 -15.09 -9.21
C TYR A 37 -33.75 -16.39 -9.72
N LEU A 38 -33.66 -17.38 -8.81
CA LEU A 38 -33.01 -18.64 -9.10
C LEU A 38 -33.84 -19.57 -9.97
N GLN A 39 -35.12 -19.28 -10.19
CA GLN A 39 -35.99 -20.15 -10.96
C GLN A 39 -35.90 -19.90 -12.47
N GLU A 40 -35.04 -18.99 -12.91
CA GLU A 40 -34.86 -18.69 -14.32
C GLU A 40 -33.67 -19.39 -14.94
N TRP A 41 -33.06 -20.34 -14.23
CA TRP A 41 -31.73 -20.83 -14.60
C TRP A 41 -31.78 -22.21 -15.24
N ASP A 42 -30.75 -22.50 -16.03
CA ASP A 42 -30.61 -23.81 -16.66
C ASP A 42 -30.65 -24.92 -15.62
N ILE A 43 -29.92 -24.73 -14.52
CA ILE A 43 -29.79 -25.75 -13.47
C ILE A 43 -31.10 -25.81 -12.70
N PRO A 44 -31.72 -26.98 -12.60
CA PRO A 44 -32.94 -27.11 -11.79
C PRO A 44 -32.67 -26.76 -10.34
N PHE A 45 -33.41 -25.77 -9.83
CA PHE A 45 -33.21 -25.24 -8.49
C PHE A 45 -34.36 -25.64 -7.60
N GLU A 46 -34.02 -26.17 -6.41
CA GLU A 46 -35.01 -26.50 -5.40
C GLU A 46 -34.63 -25.87 -4.07
N GLN A 47 -33.38 -26.05 -3.65
CA GLN A 47 -32.93 -25.55 -2.36
C GLN A 47 -31.44 -25.22 -2.46
N VAL A 48 -30.97 -24.43 -1.50
CA VAL A 48 -29.55 -24.13 -1.38
C VAL A 48 -29.27 -23.68 0.05
N GLU A 49 -28.39 -24.39 0.75
CA GLU A 49 -28.07 -24.10 2.14
C GLU A 49 -26.68 -23.48 2.21
N LEU A 50 -26.57 -22.39 2.95
CA LEU A 50 -25.28 -21.78 3.22
C LEU A 50 -24.49 -22.64 4.20
N GLY A 51 -23.17 -22.65 4.03
CA GLY A 51 -22.29 -23.31 4.97
C GLY A 51 -21.29 -22.33 5.56
N GLU A 52 -20.10 -22.81 5.89
CA GLU A 52 -19.10 -21.94 6.49
C GLU A 52 -18.53 -21.00 5.44
N PRO A 53 -18.28 -19.73 5.78
CA PRO A 53 -17.55 -18.85 4.86
C PRO A 53 -16.11 -19.30 4.73
N ILE A 54 -15.49 -18.84 3.64
CA ILE A 54 -14.12 -19.25 3.33
C ILE A 54 -13.30 -18.05 2.85
N GLY A 55 -13.69 -16.85 3.27
CA GLY A 55 -12.90 -15.68 2.93
C GLY A 55 -13.72 -14.46 2.55
N GLN A 56 -13.24 -13.30 2.97
CA GLN A 56 -13.87 -12.03 2.65
C GLN A 56 -12.97 -11.22 1.72
N GLY A 57 -13.60 -10.40 0.89
CA GLY A 57 -12.88 -9.53 -0.02
C GLY A 57 -13.67 -8.28 -0.29
N ARG A 58 -13.13 -7.44 -1.17
CA ARG A 58 -13.86 -6.22 -1.55
C ARG A 58 -15.06 -6.53 -2.46
N TRP A 59 -15.28 -7.80 -2.80
CA TRP A 59 -16.47 -8.23 -3.51
C TRP A 59 -17.23 -9.23 -2.64
N GLY A 60 -17.76 -8.73 -1.54
CA GLY A 60 -18.60 -9.50 -0.65
C GLY A 60 -17.91 -10.70 -0.01
N ARG A 61 -18.73 -11.59 0.54
CA ARG A 61 -18.27 -12.74 1.29
C ARG A 61 -18.63 -14.02 0.53
N VAL A 62 -17.70 -14.96 0.50
CA VAL A 62 -17.85 -16.22 -0.22
C VAL A 62 -18.08 -17.33 0.79
N HIS A 63 -19.17 -18.07 0.61
CA HIS A 63 -19.53 -19.17 1.50
C HIS A 63 -19.51 -20.49 0.75
N ARG A 64 -18.91 -21.50 1.37
CA ARG A 64 -19.07 -22.88 0.92
C ARG A 64 -20.52 -23.30 1.10
N GLY A 65 -21.18 -23.65 0.00
CA GLY A 65 -22.59 -24.01 0.08
C GLY A 65 -22.86 -25.44 -0.32
N ARG A 66 -24.14 -25.78 -0.45
CA ARG A 66 -24.56 -27.10 -0.93
C ARG A 66 -25.80 -26.92 -1.80
N TRP A 67 -25.63 -27.07 -3.10
CA TRP A 67 -26.77 -27.06 -4.02
C TRP A 67 -27.54 -28.35 -3.82
N HIS A 68 -27.35 -31.77 -5.00
CA HIS A 68 -26.55 -32.63 -4.15
C HIS A 68 -25.11 -32.53 -4.61
N GLY A 69 -24.53 -31.34 -4.40
CA GLY A 69 -23.16 -31.03 -4.76
C GLY A 69 -22.78 -29.70 -4.14
N GLU A 70 -21.53 -29.56 -3.71
CA GLU A 70 -21.13 -28.35 -3.02
C GLU A 70 -20.88 -27.23 -4.02
N VAL A 71 -21.26 -26.00 -3.63
CA VAL A 71 -21.16 -24.83 -4.50
C VAL A 71 -20.53 -23.69 -3.71
N ALA A 72 -20.07 -22.69 -4.45
CA ALA A 72 -19.52 -21.46 -3.89
C ALA A 72 -20.52 -20.34 -4.06
N ILE A 73 -20.85 -19.66 -2.96
CA ILE A 73 -21.88 -18.63 -2.96
C ILE A 73 -21.24 -17.31 -2.57
N ARG A 74 -21.31 -16.33 -3.46
CA ARG A 74 -20.74 -15.01 -3.23
C ARG A 74 -21.86 -14.04 -2.93
N LEU A 75 -21.82 -13.42 -1.74
CA LEU A 75 -22.88 -12.55 -1.27
C LEU A 75 -22.47 -11.09 -1.45
N LEU A 76 -23.32 -10.32 -2.11
CA LEU A 76 -23.03 -8.92 -2.41
C LEU A 76 -24.15 -8.02 -1.94
N GLU A 77 -23.81 -6.74 -1.78
CA GLU A 77 -24.77 -5.68 -1.50
C GLU A 77 -24.52 -4.54 -2.49
N MET A 78 -25.60 -4.01 -3.06
CA MET A 78 -25.52 -2.95 -4.07
C MET A 78 -26.21 -1.70 -3.54
N ASP A 79 -25.40 -0.70 -3.16
CA ASP A 79 -25.96 0.61 -2.86
C ASP A 79 -26.51 1.30 -4.09
N GLY A 80 -26.04 0.92 -5.28
CA GLY A 80 -26.53 1.50 -6.52
C GLY A 80 -28.02 1.26 -6.71
N HIS A 81 -28.83 2.16 -6.15
CA HIS A 81 -30.28 2.05 -6.15
C HIS A 81 -30.81 2.24 -7.58
N ASN A 82 -30.72 1.17 -8.37
CA ASN A 82 -31.22 1.12 -9.74
C ASN A 82 -30.68 2.28 -10.57
N GLN A 83 -29.37 2.51 -10.45
CA GLN A 83 -28.69 3.50 -11.27
C GLN A 83 -27.94 2.80 -12.41
N ASP A 84 -28.71 2.03 -13.19
CA ASP A 84 -28.22 1.20 -14.28
C ASP A 84 -27.29 0.09 -13.78
N HIS A 85 -26.94 0.12 -12.50
CA HIS A 85 -26.12 -0.95 -11.92
C HIS A 85 -26.81 -2.30 -12.06
N LEU A 86 -28.07 -2.38 -11.63
CA LEU A 86 -28.81 -3.62 -11.76
C LEU A 86 -29.02 -3.99 -13.23
N LYS A 87 -29.35 -2.99 -14.06
CA LYS A 87 -29.47 -3.22 -15.50
C LYS A 87 -28.19 -3.84 -16.05
N LEU A 88 -27.04 -3.25 -15.69
CA LEU A 88 -25.75 -3.83 -16.10
C LEU A 88 -25.55 -5.20 -15.47
N PHE A 89 -25.93 -5.36 -14.20
CA PHE A 89 -25.81 -6.65 -13.53
C PHE A 89 -26.65 -7.71 -14.23
N LYS A 90 -27.88 -7.37 -14.58
CA LYS A 90 -28.74 -8.30 -15.33
C LYS A 90 -28.10 -8.67 -16.67
N LYS A 91 -27.50 -7.69 -17.34
CA LYS A 91 -26.84 -7.94 -18.62
C LYS A 91 -25.67 -8.91 -18.45
N GLU A 92 -24.74 -8.59 -17.55
CA GLU A 92 -23.53 -9.40 -17.41
C GLU A 92 -23.85 -10.81 -16.91
N VAL A 93 -24.80 -10.92 -15.99
CA VAL A 93 -25.14 -12.23 -15.44
C VAL A 93 -25.78 -13.12 -16.50
N MET A 94 -26.69 -12.57 -17.30
CA MET A 94 -27.25 -13.34 -18.41
C MET A 94 -26.17 -13.77 -19.39
N ASN A 95 -25.14 -12.95 -19.56
CA ASN A 95 -24.01 -13.34 -20.41
C ASN A 95 -23.29 -14.55 -19.85
N TYR A 96 -23.10 -14.59 -18.52
CA TYR A 96 -22.45 -15.73 -17.90
C TYR A 96 -23.25 -17.02 -18.10
N ARG A 97 -24.58 -16.90 -18.23
CA ARG A 97 -25.42 -18.08 -18.34
C ARG A 97 -25.06 -18.91 -19.57
N GLN A 98 -24.62 -18.27 -20.65
CA GLN A 98 -24.33 -18.96 -21.90
C GLN A 98 -22.91 -19.50 -21.96
N THR A 99 -22.33 -19.88 -20.83
CA THR A 99 -20.95 -20.36 -20.79
C THR A 99 -20.89 -21.76 -20.19
N ARG A 100 -19.99 -22.58 -20.73
CA ARG A 100 -19.63 -23.85 -20.11
C ARG A 100 -18.34 -24.33 -20.74
N HIS A 101 -17.36 -24.67 -19.91
CA HIS A 101 -16.07 -25.15 -20.40
C HIS A 101 -15.37 -25.84 -19.24
N GLU A 102 -14.62 -26.91 -19.56
CA GLU A 102 -14.03 -27.75 -18.52
C GLU A 102 -12.95 -27.03 -17.72
N ASN A 103 -12.40 -25.92 -18.24
CA ASN A 103 -11.35 -25.18 -17.56
C ASN A 103 -11.87 -23.91 -16.88
N VAL A 104 -13.15 -23.63 -16.97
CA VAL A 104 -13.76 -22.46 -16.33
C VAL A 104 -14.76 -22.97 -15.32
N VAL A 105 -14.89 -22.24 -14.19
CA VAL A 105 -15.89 -22.59 -13.19
C VAL A 105 -17.25 -22.63 -13.84
N LEU A 106 -18.09 -23.55 -13.37
CA LEU A 106 -19.46 -23.66 -13.88
C LEU A 106 -20.31 -22.60 -13.20
N PHE A 107 -20.58 -21.51 -13.92
CA PHE A 107 -21.53 -20.53 -13.44
C PHE A 107 -22.92 -21.15 -13.39
N MET A 108 -23.55 -21.11 -12.22
CA MET A 108 -24.81 -21.80 -11.98
C MET A 108 -26.00 -20.86 -11.88
N GLY A 109 -25.97 -19.92 -10.95
CA GLY A 109 -27.10 -19.03 -10.75
C GLY A 109 -26.67 -17.71 -10.17
N ALA A 110 -27.56 -16.73 -10.32
CA ALA A 110 -27.38 -15.41 -9.72
C ALA A 110 -28.75 -14.83 -9.44
N CYS A 111 -29.12 -14.81 -8.18
CA CYS A 111 -30.39 -14.26 -7.71
C CYS A 111 -30.17 -12.90 -7.07
N MET A 112 -31.07 -11.97 -7.33
CA MET A 112 -30.96 -10.62 -6.79
C MET A 112 -32.30 -10.21 -6.18
N ASN A 113 -32.30 -10.10 -4.86
CA ASN A 113 -33.41 -9.50 -4.12
C ASN A 113 -32.88 -8.19 -3.57
N PRO A 114 -32.87 -7.12 -4.38
CA PRO A 114 -32.08 -5.93 -4.06
C PRO A 114 -32.41 -5.38 -2.68
N PRO A 115 -31.43 -4.81 -1.97
CA PRO A 115 -30.06 -4.59 -2.48
C PRO A 115 -29.13 -5.79 -2.31
N HIS A 116 -29.67 -6.92 -1.87
CA HIS A 116 -28.89 -8.10 -1.59
C HIS A 116 -28.83 -9.00 -2.81
N LEU A 117 -27.62 -9.26 -3.31
CA LEU A 117 -27.43 -10.11 -4.47
C LEU A 117 -26.59 -11.31 -4.08
N ALA A 118 -26.56 -12.32 -4.96
CA ALA A 118 -25.78 -13.51 -4.72
C ALA A 118 -25.38 -14.13 -6.05
N ILE A 119 -24.17 -14.67 -6.10
CA ILE A 119 -23.64 -15.32 -7.31
C ILE A 119 -23.17 -16.71 -6.92
N ILE A 120 -23.80 -17.73 -7.49
CA ILE A 120 -23.55 -19.11 -7.13
C ILE A 120 -22.68 -19.74 -8.22
N THR A 121 -21.56 -20.32 -7.80
CA THR A 121 -20.62 -20.95 -8.72
C THR A 121 -20.36 -22.37 -8.23
N SER A 122 -19.96 -23.23 -9.16
CA SER A 122 -19.53 -24.57 -8.80
C SER A 122 -18.30 -24.49 -7.90
N PHE A 123 -18.24 -25.38 -6.91
CA PHE A 123 -17.17 -25.36 -5.92
C PHE A 123 -16.00 -26.21 -6.41
N CYS A 124 -14.82 -25.60 -6.46
CA CYS A 124 -13.60 -26.29 -6.88
C CYS A 124 -12.90 -26.85 -5.66
N LYS A 125 -12.76 -28.18 -5.63
CA LYS A 125 -11.93 -28.79 -4.60
C LYS A 125 -10.46 -28.59 -4.95
N GLY A 126 -9.60 -28.93 -3.99
CA GLY A 126 -8.18 -28.79 -4.20
C GLY A 126 -7.65 -27.42 -3.83
N ARG A 127 -6.39 -27.21 -4.20
CA ARG A 127 -5.63 -26.05 -3.79
C ARG A 127 -5.61 -25.00 -4.89
N THR A 128 -5.54 -23.73 -4.47
CA THR A 128 -5.32 -22.66 -5.42
C THR A 128 -3.93 -22.82 -6.06
N LEU A 129 -3.78 -22.29 -7.28
CA LEU A 129 -2.49 -22.36 -7.93
C LEU A 129 -1.44 -21.54 -7.17
N HIS A 130 -1.87 -20.48 -6.51
CA HIS A 130 -0.98 -19.69 -5.64
C HIS A 130 -0.32 -20.57 -4.59
N SER A 131 -1.12 -21.15 -3.70
CA SER A 131 -0.59 -21.98 -2.63
C SER A 131 0.03 -23.27 -3.14
N PHE A 132 -0.29 -23.67 -4.37
CA PHE A 132 0.24 -24.92 -4.91
C PHE A 132 1.69 -24.76 -5.36
N VAL A 133 2.00 -23.69 -6.10
CA VAL A 133 3.34 -23.50 -6.62
C VAL A 133 4.34 -23.14 -5.52
N ARG A 134 3.87 -22.59 -4.40
CA ARG A 134 4.74 -22.18 -3.30
C ARG A 134 4.88 -23.25 -2.23
N ASP A 135 4.34 -24.44 -2.45
CA ASP A 135 4.52 -25.53 -1.51
C ASP A 135 5.87 -26.21 -1.79
N PRO A 136 6.70 -26.40 -0.77
CA PRO A 136 8.00 -27.04 -1.01
C PRO A 136 7.89 -28.45 -1.58
N LYS A 137 6.92 -29.24 -1.10
CA LYS A 137 6.79 -30.63 -1.52
C LYS A 137 6.32 -30.78 -2.97
N THR A 138 5.91 -29.70 -3.61
CA THR A 138 5.41 -29.79 -4.98
C THR A 138 6.56 -29.86 -5.98
N SER A 139 6.41 -30.75 -6.96
CA SER A 139 7.44 -30.99 -7.97
C SER A 139 6.90 -30.61 -9.34
N LEU A 140 7.25 -29.43 -9.82
CA LEU A 140 6.90 -28.98 -11.16
C LEU A 140 8.11 -29.08 -12.07
N ASP A 141 7.87 -29.50 -13.31
CA ASP A 141 8.91 -29.63 -14.32
C ASP A 141 8.48 -28.87 -15.58
N ILE A 142 9.34 -28.89 -16.60
CA ILE A 142 9.05 -28.20 -17.84
C ILE A 142 7.84 -28.80 -18.55
N ASN A 143 7.50 -30.05 -18.24
CA ASN A 143 6.32 -30.68 -18.82
C ASN A 143 5.05 -30.31 -18.04
N LYS A 144 5.10 -30.49 -16.71
CA LYS A 144 3.97 -30.10 -15.87
C LYS A 144 3.64 -28.63 -16.04
N THR A 145 4.67 -27.78 -16.15
CA THR A 145 4.44 -26.36 -16.32
C THR A 145 3.78 -26.06 -17.66
N ARG A 146 4.20 -26.73 -18.72
CA ARG A 146 3.60 -26.51 -20.03
C ARG A 146 2.13 -26.91 -20.04
N GLN A 147 1.82 -28.11 -19.56
CA GLN A 147 0.44 -28.60 -19.59
C GLN A 147 -0.49 -27.71 -18.80
N ILE A 148 -0.03 -27.23 -17.63
CA ILE A 148 -0.87 -26.35 -16.80
C ILE A 148 -1.20 -25.07 -17.55
N ALA A 149 -0.19 -24.45 -18.17
CA ALA A 149 -0.42 -23.21 -18.91
C ALA A 149 -1.38 -23.44 -20.07
N GLN A 150 -1.24 -24.57 -20.77
CA GLN A 150 -2.15 -24.88 -21.88
C GLN A 150 -3.60 -24.87 -21.42
N GLU A 151 -3.89 -25.56 -20.31
CA GLU A 151 -5.25 -25.59 -19.78
C GLU A 151 -5.76 -24.18 -19.52
N ILE A 152 -4.92 -23.34 -18.91
CA ILE A 152 -5.33 -21.97 -18.60
C ILE A 152 -5.61 -21.19 -19.89
N ILE A 153 -4.75 -21.36 -20.90
CA ILE A 153 -4.96 -20.66 -22.16
C ILE A 153 -6.23 -21.15 -22.84
N LYS A 154 -6.50 -22.45 -22.77
CA LYS A 154 -7.74 -22.99 -23.33
C LYS A 154 -8.96 -22.36 -22.67
N GLY A 155 -8.94 -22.24 -21.34
CA GLY A 155 -10.05 -21.59 -20.66
C GLY A 155 -10.16 -20.12 -21.00
N MET A 156 -9.03 -19.41 -20.93
CA MET A 156 -9.03 -17.99 -21.27
C MET A 156 -9.39 -17.77 -22.74
N GLY A 157 -9.05 -18.72 -23.61
CA GLY A 157 -9.44 -18.59 -25.00
C GLY A 157 -10.95 -18.64 -25.19
N TYR A 158 -11.60 -19.60 -24.52
CA TYR A 158 -13.06 -19.71 -24.56
C TYR A 158 -13.72 -18.39 -24.15
N LEU A 159 -13.25 -17.81 -23.05
CA LEU A 159 -13.85 -16.57 -22.55
C LEU A 159 -13.72 -15.44 -23.57
N HIS A 160 -12.54 -15.30 -24.17
CA HIS A 160 -12.33 -14.25 -25.16
C HIS A 160 -13.18 -14.50 -26.40
N ALA A 161 -13.31 -15.77 -26.81
CA ALA A 161 -14.16 -16.10 -27.94
C ALA A 161 -15.60 -15.67 -27.70
N LYS A 162 -16.07 -15.81 -26.47
CA LYS A 162 -17.40 -15.34 -26.09
C LYS A 162 -17.43 -13.85 -25.79
N GLY A 163 -16.35 -13.12 -26.08
CA GLY A 163 -16.32 -11.70 -25.79
C GLY A 163 -16.36 -11.35 -24.33
N ILE A 164 -16.01 -12.30 -23.46
CA ILE A 164 -16.04 -12.09 -22.02
C ILE A 164 -14.60 -11.82 -21.57
N VAL A 165 -14.33 -10.57 -21.20
CA VAL A 165 -13.02 -10.19 -20.70
C VAL A 165 -12.92 -10.59 -19.23
N HIS A 166 -11.97 -11.47 -18.91
CA HIS A 166 -11.75 -11.92 -17.54
C HIS A 166 -10.88 -10.88 -16.85
N LYS A 167 -11.53 -9.84 -16.34
CA LYS A 167 -10.86 -8.95 -15.40
C LYS A 167 -10.48 -9.74 -14.16
N ASP A 168 -9.37 -9.35 -13.53
CA ASP A 168 -8.89 -9.98 -12.30
C ASP A 168 -8.47 -11.43 -12.52
N LEU A 169 -7.49 -11.65 -13.39
CA LEU A 169 -6.88 -12.97 -13.55
C LEU A 169 -5.59 -13.01 -12.74
N LYS A 170 -5.45 -14.01 -11.89
CA LYS A 170 -4.26 -14.15 -11.05
C LYS A 170 -4.17 -15.59 -10.54
N SER A 171 -3.01 -15.91 -9.95
CA SER A 171 -2.78 -17.27 -9.49
C SER A 171 -3.67 -17.64 -8.31
N LYS A 172 -4.16 -16.66 -7.57
CA LYS A 172 -5.10 -16.93 -6.48
C LYS A 172 -6.47 -17.36 -7.00
N ASN A 173 -6.79 -17.04 -8.24
CA ASN A 173 -8.09 -17.36 -8.84
C ASN A 173 -7.98 -18.50 -9.86
N VAL A 174 -7.09 -19.44 -9.61
CA VAL A 174 -6.93 -20.63 -10.45
C VAL A 174 -6.77 -21.82 -9.52
N PHE A 175 -7.49 -22.91 -9.79
CA PHE A 175 -7.53 -24.06 -8.91
C PHE A 175 -6.98 -25.30 -9.61
N TYR A 176 -6.18 -26.07 -8.87
CA TYR A 176 -5.58 -27.30 -9.36
C TYR A 176 -5.96 -28.44 -8.43
N ASP A 177 -6.38 -29.57 -9.02
CA ASP A 177 -6.76 -30.75 -8.25
C ASP A 177 -6.31 -31.99 -9.04
N ASN A 178 -5.17 -32.56 -8.64
CA ASN A 178 -4.54 -33.73 -9.26
C ASN A 178 -4.71 -33.77 -10.77
N GLY A 179 -4.44 -32.66 -11.45
CA GLY A 179 -4.50 -32.62 -12.89
C GLY A 179 -5.54 -31.65 -13.44
N LYS A 180 -6.67 -31.52 -12.75
CA LYS A 180 -7.75 -30.68 -13.22
C LYS A 180 -7.46 -29.21 -12.90
N VAL A 181 -7.62 -28.33 -13.88
CA VAL A 181 -7.32 -26.92 -13.75
C VAL A 181 -8.56 -26.11 -14.09
N VAL A 182 -8.93 -25.17 -13.20
CA VAL A 182 -10.14 -24.38 -13.35
C VAL A 182 -9.82 -22.92 -13.09
N ILE A 183 -10.51 -22.03 -13.83
CA ILE A 183 -10.39 -20.59 -13.65
C ILE A 183 -11.60 -20.10 -12.87
N THR A 184 -11.39 -19.09 -12.02
CA THR A 184 -12.39 -18.68 -11.04
C THR A 184 -12.59 -17.17 -11.10
N ASP A 185 -13.79 -16.74 -10.70
CA ASP A 185 -14.08 -15.32 -10.41
C ASP A 185 -13.87 -14.43 -11.63
N PHE A 186 -14.30 -14.90 -12.80
CA PHE A 186 -14.16 -14.11 -14.01
C PHE A 186 -15.23 -13.03 -14.08
N GLY A 187 -14.90 -11.94 -14.77
CA GLY A 187 -15.84 -10.85 -15.01
C GLY A 187 -16.41 -10.18 -13.78
N LEU A 188 -15.83 -10.47 -12.61
CA LEU A 188 -16.39 -9.96 -11.36
C LEU A 188 -16.23 -8.44 -11.25
N PHE A 189 -15.20 -7.87 -11.86
CA PHE A 189 -14.94 -6.44 -11.72
C PHE A 189 -15.91 -5.56 -12.50
N GLY A 190 -16.71 -6.14 -13.40
CA GLY A 190 -17.70 -5.36 -14.14
C GLY A 190 -18.87 -4.88 -13.31
N ILE A 191 -19.00 -5.38 -12.08
CA ILE A 191 -20.09 -5.05 -11.16
C ILE A 191 -19.69 -3.83 -10.34
N SER A 192 -20.67 -2.99 -10.00
CA SER A 192 -20.47 -1.74 -9.26
C SER A 192 -21.27 -1.81 -7.97
N GLY A 193 -20.88 -2.73 -7.09
CA GLY A 193 -21.47 -2.87 -5.78
C GLY A 193 -20.63 -2.18 -4.72
N VAL A 194 -21.24 -2.01 -3.53
CA VAL A 194 -20.61 -1.25 -2.44
C VAL A 194 -19.53 -2.09 -1.79
N VAL A 195 -18.53 -1.41 -1.24
CA VAL A 195 -17.47 -2.07 -0.47
C VAL A 195 -17.03 -1.16 0.67
N ARG A 200 -12.67 2.21 3.18
CA ARG A 200 -12.88 3.01 1.99
C ARG A 200 -12.76 4.50 2.30
N GLU A 201 -12.03 5.22 1.45
CA GLU A 201 -11.78 6.64 1.68
C GLU A 201 -11.32 7.33 0.40
N ASN A 202 -10.40 8.29 0.53
CA ASN A 202 -9.84 9.00 -0.61
C ASN A 202 -8.57 8.32 -1.10
N GLN A 203 -7.64 8.00 -0.19
CA GLN A 203 -6.41 7.35 -0.59
C GLN A 203 -6.71 5.98 -1.20
N LEU A 204 -5.95 5.62 -2.22
CA LEU A 204 -6.20 4.39 -2.96
C LEU A 204 -5.90 3.17 -2.09
N LYS A 205 -6.63 2.08 -2.37
CA LYS A 205 -6.59 0.85 -1.57
C LYS A 205 -6.11 -0.28 -2.47
N LEU A 206 -4.82 -0.61 -2.38
CA LEU A 206 -4.20 -1.57 -3.29
C LEU A 206 -3.41 -2.61 -2.51
N SER A 207 -3.41 -3.83 -3.03
CA SER A 207 -2.56 -4.90 -2.52
C SER A 207 -1.33 -5.05 -3.41
N HIS A 208 -0.35 -5.80 -2.92
CA HIS A 208 0.83 -6.07 -3.75
C HIS A 208 0.63 -7.26 -4.68
N ASP A 209 0.02 -8.33 -4.19
CA ASP A 209 -0.22 -9.50 -5.03
C ASP A 209 -1.01 -9.13 -6.28
N TRP A 210 -1.86 -8.09 -6.19
CA TRP A 210 -2.65 -7.67 -7.34
C TRP A 210 -1.84 -6.86 -8.34
N LEU A 211 -0.92 -6.02 -7.86
CA LEU A 211 -0.18 -5.14 -8.76
C LEU A 211 0.69 -5.93 -9.74
N CYS A 212 1.25 -7.05 -9.30
CA CYS A 212 2.13 -7.82 -10.17
C CYS A 212 1.43 -8.34 -11.41
N TYR A 213 0.09 -8.41 -11.39
CA TYR A 213 -0.68 -8.86 -12.54
C TYR A 213 -1.23 -7.72 -13.38
N LEU A 214 -1.12 -6.48 -12.91
CA LEU A 214 -1.72 -5.34 -13.58
C LEU A 214 -0.80 -4.81 -14.67
N ALA A 215 -1.33 -4.65 -15.87
CA ALA A 215 -0.57 -4.15 -17.01
C ALA A 215 -0.39 -2.64 -16.91
N PRO A 216 0.67 -2.10 -17.53
CA PRO A 216 0.97 -0.66 -17.40
C PRO A 216 -0.19 0.26 -17.76
N GLU A 217 -0.97 -0.08 -18.79
CA GLU A 217 -2.10 0.77 -19.18
C GLU A 217 -3.05 0.98 -18.02
N ILE A 218 -3.19 -0.02 -17.14
CA ILE A 218 -4.09 0.09 -16.00
C ILE A 218 -3.46 0.91 -14.89
N VAL A 219 -2.17 0.65 -14.60
CA VAL A 219 -1.51 1.30 -13.48
C VAL A 219 -1.42 2.81 -13.69
N ARG A 220 -1.22 3.23 -14.94
CA ARG A 220 -1.09 4.66 -15.23
C ARG A 220 -2.41 5.39 -14.95
N GLU A 221 -3.54 4.77 -15.27
CA GLU A 221 -4.83 5.41 -15.10
C GLU A 221 -5.31 5.43 -13.65
N MET A 222 -4.62 4.74 -12.74
CA MET A 222 -5.04 4.70 -11.35
C MET A 222 -4.91 6.07 -10.71
N THR A 223 -5.97 6.45 -9.97
CA THR A 223 -6.03 7.74 -9.31
C THR A 223 -7.09 7.66 -8.21
N PRO A 224 -6.94 8.42 -7.13
CA PRO A 224 -7.95 8.39 -6.06
C PRO A 224 -9.32 8.83 -6.56
N GLY A 225 -10.36 8.43 -5.83
CA GLY A 225 -11.73 8.66 -6.24
C GLY A 225 -12.16 7.93 -7.51
N LYS A 226 -11.28 7.16 -8.14
CA LYS A 226 -11.63 6.39 -9.33
C LYS A 226 -11.96 4.96 -8.94
N ASP A 227 -13.03 4.41 -9.51
CA ASP A 227 -13.47 3.07 -9.17
C ASP A 227 -12.88 2.05 -10.14
N GLU A 228 -12.88 0.77 -9.74
CA GLU A 228 -12.28 -0.27 -10.57
C GLU A 228 -12.91 -0.34 -11.96
N ASP A 229 -14.20 0.02 -12.05
CA ASP A 229 -14.91 -0.09 -13.33
C ASP A 229 -14.30 0.81 -14.40
N GLN A 230 -13.63 1.90 -13.99
CA GLN A 230 -13.12 2.88 -14.93
C GLN A 230 -11.78 2.48 -15.55
N LEU A 231 -11.12 1.45 -15.04
CA LEU A 231 -9.80 1.09 -15.52
C LEU A 231 -9.88 0.36 -16.86
N PRO A 232 -8.84 0.46 -17.70
CA PRO A 232 -8.88 -0.11 -19.05
C PRO A 232 -8.48 -1.58 -19.10
N PHE A 233 -9.25 -2.42 -18.40
CA PHE A 233 -9.12 -3.86 -18.60
C PHE A 233 -9.47 -4.20 -20.04
N SER A 234 -8.80 -5.22 -20.57
CA SER A 234 -9.01 -5.60 -21.96
C SER A 234 -8.52 -7.02 -22.14
N LYS A 235 -8.69 -7.54 -23.36
CA LYS A 235 -8.10 -8.83 -23.71
C LYS A 235 -6.59 -8.80 -23.53
N ALA A 236 -5.96 -7.66 -23.81
CA ALA A 236 -4.53 -7.53 -23.63
C ALA A 236 -4.16 -7.53 -22.15
N ALA A 237 -4.97 -6.89 -21.32
CA ALA A 237 -4.71 -6.88 -19.88
C ALA A 237 -4.74 -8.29 -19.30
N ASP A 238 -5.52 -9.20 -19.90
CA ASP A 238 -5.58 -10.56 -19.41
C ASP A 238 -4.33 -11.35 -19.79
N VAL A 239 -3.84 -11.17 -21.01
CA VAL A 239 -2.64 -11.91 -21.42
C VAL A 239 -1.42 -11.40 -20.67
N TYR A 240 -1.42 -10.14 -20.25
CA TYR A 240 -0.35 -9.65 -19.38
C TYR A 240 -0.37 -10.38 -18.05
N ALA A 241 -1.55 -10.46 -17.42
CA ALA A 241 -1.66 -11.17 -16.15
C ALA A 241 -1.31 -12.64 -16.31
N PHE A 242 -1.54 -13.21 -17.49
CA PHE A 242 -1.10 -14.58 -17.74
C PHE A 242 0.42 -14.69 -17.70
N GLY A 243 1.12 -13.63 -18.10
CA GLY A 243 2.57 -13.65 -18.02
C GLY A 243 3.08 -13.73 -16.60
N THR A 244 2.49 -12.93 -15.71
CA THR A 244 2.85 -13.02 -14.29
C THR A 244 2.53 -14.40 -13.73
N VAL A 245 1.49 -15.05 -14.24
CA VAL A 245 1.22 -16.44 -13.88
C VAL A 245 2.32 -17.35 -14.41
N TRP A 246 2.69 -17.18 -15.68
CA TRP A 246 3.77 -17.97 -16.27
C TRP A 246 5.06 -17.79 -15.50
N TYR A 247 5.34 -16.57 -15.03
CA TYR A 247 6.52 -16.34 -14.21
C TYR A 247 6.41 -17.09 -12.89
N GLU A 248 5.25 -17.03 -12.24
CA GLU A 248 5.03 -17.77 -11.00
C GLU A 248 5.24 -19.27 -11.20
N LEU A 249 4.88 -19.79 -12.38
CA LEU A 249 5.09 -21.20 -12.65
C LEU A 249 6.56 -21.56 -12.68
N GLN A 250 7.43 -20.60 -13.07
CA GLN A 250 8.86 -20.83 -13.10
C GLN A 250 9.50 -20.54 -11.75
N ALA A 251 9.31 -19.32 -11.24
CA ALA A 251 10.06 -18.82 -10.10
C ALA A 251 9.43 -19.15 -8.75
N ARG A 252 8.20 -19.68 -8.72
CA ARG A 252 7.50 -19.99 -7.48
C ARG A 252 7.33 -18.77 -6.59
N ASP A 253 7.32 -17.58 -7.17
CA ASP A 253 7.13 -16.34 -6.43
C ASP A 253 6.74 -15.26 -7.44
N TRP A 254 6.39 -14.09 -6.93
CA TRP A 254 6.01 -13.03 -7.85
C TRP A 254 7.23 -12.20 -8.23
N PRO A 255 7.18 -11.49 -9.37
CA PRO A 255 8.41 -10.87 -9.90
C PRO A 255 9.01 -9.82 -8.97
N LEU A 256 8.19 -9.00 -8.33
CA LEU A 256 8.68 -7.87 -7.56
C LEU A 256 8.64 -8.20 -6.08
N LYS A 257 9.82 -8.34 -5.48
CA LYS A 257 9.94 -8.42 -4.03
C LYS A 257 9.10 -7.33 -3.39
N ASN A 258 8.43 -7.67 -2.28
CA ASN A 258 7.44 -6.80 -1.67
C ASN A 258 8.02 -5.43 -1.39
N GLN A 259 7.66 -4.45 -2.22
CA GLN A 259 8.03 -3.06 -2.02
C GLN A 259 6.85 -2.27 -1.48
N ALA A 260 7.09 -1.00 -1.17
CA ALA A 260 5.98 -0.08 -0.99
C ALA A 260 5.22 0.03 -2.30
N ALA A 261 3.89 0.07 -2.20
CA ALA A 261 3.05 0.02 -3.39
C ALA A 261 3.42 1.13 -4.37
N GLU A 262 3.78 2.31 -3.86
CA GLU A 262 4.22 3.41 -4.73
C GLU A 262 5.38 2.98 -5.61
N ALA A 263 6.37 2.30 -5.03
CA ALA A 263 7.50 1.83 -5.82
C ALA A 263 7.03 0.87 -6.90
N SER A 264 6.17 -0.09 -6.54
CA SER A 264 5.68 -1.06 -7.51
C SER A 264 4.90 -0.40 -8.63
N ILE A 265 4.24 0.73 -8.34
CA ILE A 265 3.48 1.45 -9.37
C ILE A 265 4.40 1.93 -10.48
N TRP A 266 5.39 2.75 -10.13
CA TRP A 266 6.26 3.32 -11.16
C TRP A 266 7.02 2.23 -11.92
N GLN A 267 7.53 1.24 -11.20
CA GLN A 267 8.27 0.15 -11.85
C GLN A 267 7.43 -0.51 -12.94
N ILE A 268 6.16 -0.75 -12.65
CA ILE A 268 5.29 -1.41 -13.62
C ILE A 268 4.82 -0.44 -14.69
N GLY A 269 4.33 0.73 -14.26
CA GLY A 269 3.82 1.71 -15.22
C GLY A 269 4.87 2.22 -16.19
N SER A 270 6.14 2.24 -15.77
CA SER A 270 7.22 2.62 -16.66
C SER A 270 7.70 1.47 -17.54
N GLY A 271 7.38 0.24 -17.18
CA GLY A 271 7.88 -0.91 -17.88
C GLY A 271 9.30 -1.29 -17.51
N GLU A 272 10.01 -0.43 -16.78
CA GLU A 272 11.39 -0.73 -16.39
C GLU A 272 11.46 -1.91 -15.44
N GLY A 273 10.48 -2.04 -14.54
CA GLY A 273 10.52 -3.12 -13.56
C GLY A 273 10.55 -4.49 -14.19
N MET A 274 9.67 -4.72 -15.17
CA MET A 274 9.66 -6.00 -15.86
C MET A 274 10.91 -6.19 -16.71
N LYS A 275 11.54 -5.10 -17.15
CA LYS A 275 12.79 -5.22 -17.88
C LYS A 275 13.92 -5.70 -16.98
N ARG A 276 13.97 -5.21 -15.73
CA ARG A 276 15.02 -5.64 -14.82
C ARG A 276 14.85 -7.11 -14.45
N VAL A 277 13.65 -7.50 -14.01
CA VAL A 277 13.42 -8.86 -13.56
C VAL A 277 13.57 -9.86 -14.71
N LEU A 278 13.37 -9.42 -15.95
CA LEU A 278 13.60 -10.30 -17.09
C LEU A 278 15.09 -10.59 -17.27
N THR A 279 15.93 -9.57 -17.08
CA THR A 279 17.37 -9.75 -17.17
C THR A 279 17.96 -10.34 -15.89
N SER A 280 17.38 -10.01 -14.74
CA SER A 280 18.00 -10.36 -13.46
C SER A 280 18.20 -11.86 -13.29
N VAL A 281 17.30 -12.67 -13.85
CA VAL A 281 17.43 -14.12 -13.79
C VAL A 281 16.98 -14.70 -15.13
N SER A 282 17.81 -15.56 -15.70
CA SER A 282 17.44 -16.26 -16.92
C SER A 282 16.75 -17.58 -16.57
N LEU A 283 15.88 -18.01 -17.47
CA LEU A 283 15.16 -19.27 -17.35
C LEU A 283 15.30 -20.14 -18.59
N GLY A 284 15.25 -19.54 -19.78
CA GLY A 284 15.32 -20.26 -21.03
C GLY A 284 14.79 -19.38 -22.15
N LYS A 285 15.47 -19.38 -23.29
CA LYS A 285 15.06 -18.52 -24.40
C LYS A 285 13.63 -18.82 -24.82
N GLU A 286 13.25 -20.09 -24.88
CA GLU A 286 11.87 -20.45 -25.22
C GLU A 286 10.91 -19.98 -24.14
N VAL A 287 11.25 -20.20 -22.87
CA VAL A 287 10.42 -19.75 -21.76
C VAL A 287 10.35 -18.23 -21.72
N SER A 288 11.51 -17.57 -21.70
CA SER A 288 11.55 -16.12 -21.66
C SER A 288 10.93 -15.47 -22.90
N GLU A 289 10.88 -16.20 -24.02
CA GLU A 289 10.23 -15.67 -25.21
C GLU A 289 8.79 -15.28 -24.93
N ILE A 290 8.01 -16.20 -24.36
CA ILE A 290 6.59 -15.93 -24.15
C ILE A 290 6.38 -14.99 -22.97
N LEU A 291 7.31 -14.96 -22.01
CA LEU A 291 7.19 -14.02 -20.91
C LEU A 291 7.48 -12.59 -21.38
N SER A 292 8.50 -12.42 -22.23
CA SER A 292 8.73 -11.11 -22.85
C SER A 292 7.59 -10.74 -23.78
N ALA A 293 6.95 -11.73 -24.41
CA ALA A 293 5.84 -11.45 -25.32
C ALA A 293 4.61 -10.95 -24.56
N CYS A 294 4.20 -11.67 -23.52
CA CYS A 294 3.00 -11.28 -22.79
C CYS A 294 3.16 -9.95 -22.08
N TRP A 295 4.34 -9.68 -21.53
CA TRP A 295 4.59 -8.45 -20.79
C TRP A 295 4.95 -7.27 -21.68
N ALA A 296 4.73 -7.36 -22.98
CA ALA A 296 5.05 -6.28 -23.90
C ALA A 296 4.39 -4.98 -23.44
N PHE A 297 5.17 -3.90 -23.46
CA PHE A 297 4.68 -2.62 -22.96
C PHE A 297 3.55 -2.09 -23.84
N ASP A 298 3.77 -2.06 -25.15
CA ASP A 298 2.72 -1.66 -26.08
C ASP A 298 1.69 -2.79 -26.17
N LEU A 299 0.46 -2.53 -25.70
CA LEU A 299 -0.53 -3.58 -25.55
C LEU A 299 -0.80 -4.32 -26.86
N GLN A 300 -0.76 -3.61 -28.00
CA GLN A 300 -1.01 -4.25 -29.28
C GLN A 300 0.07 -5.27 -29.65
N GLU A 301 1.25 -5.17 -29.04
CA GLU A 301 2.29 -6.17 -29.25
C GLU A 301 2.05 -7.44 -28.43
N ARG A 302 0.99 -7.50 -27.64
CA ARG A 302 0.74 -8.72 -26.88
C ARG A 302 -0.06 -9.70 -27.72
N PRO A 303 0.31 -10.98 -27.67
CA PRO A 303 -0.34 -11.97 -28.52
C PRO A 303 -1.74 -12.30 -28.02
N SER A 304 -2.50 -12.94 -28.91
CA SER A 304 -3.78 -13.51 -28.51
C SER A 304 -3.55 -14.85 -27.82
N PHE A 305 -4.62 -15.38 -27.21
CA PHE A 305 -4.49 -16.65 -26.51
C PHE A 305 -4.36 -17.81 -27.48
N SER A 306 -5.04 -17.74 -28.63
CA SER A 306 -4.88 -18.76 -29.65
C SER A 306 -3.43 -18.84 -30.13
N LEU A 307 -2.77 -17.69 -30.25
CA LEU A 307 -1.35 -17.68 -30.58
C LEU A 307 -0.52 -18.29 -29.46
N LEU A 308 -0.92 -18.06 -28.21
CA LEU A 308 -0.18 -18.59 -27.07
C LEU A 308 -0.27 -20.11 -26.99
N MET A 309 -1.34 -20.70 -27.51
CA MET A 309 -1.42 -22.16 -27.54
C MET A 309 -0.31 -22.75 -28.38
N ASP A 310 -0.02 -22.14 -29.54
CA ASP A 310 1.04 -22.65 -30.40
C ASP A 310 2.41 -22.43 -29.79
N MET A 311 2.64 -21.26 -29.18
CA MET A 311 3.93 -20.99 -28.55
C MET A 311 4.24 -22.01 -27.46
N LEU A 312 3.24 -22.42 -26.70
CA LEU A 312 3.44 -23.42 -25.66
C LEU A 312 3.71 -24.81 -26.25
N GLU A 313 3.33 -25.04 -27.50
CA GLU A 313 3.63 -26.32 -28.15
C GLU A 313 5.11 -26.44 -28.48
N LYS A 314 5.64 -25.46 -29.22
CA LYS A 314 7.04 -25.47 -29.61
C LYS A 314 7.95 -25.21 -28.41
N LEU A 315 7.95 -26.13 -27.44
CA LEU A 315 8.69 -25.97 -26.20
C LEU A 315 9.30 -27.32 -25.82
N PRO A 316 10.30 -27.32 -24.92
CA PRO A 316 10.88 -28.57 -24.41
C PRO A 316 9.84 -29.54 -23.85
N LEU B 31 24.22 11.81 19.91
CA LEU B 31 23.50 12.17 21.12
C LEU B 31 23.67 13.64 21.47
N GLU B 32 24.82 13.97 22.06
CA GLU B 32 25.07 15.28 22.65
C GLU B 32 23.93 15.65 23.60
N LEU B 33 23.74 14.80 24.60
CA LEU B 33 22.62 14.95 25.52
C LEU B 33 22.80 16.19 26.39
N ASP B 34 21.75 16.99 26.51
CA ASP B 34 21.81 18.09 27.45
C ASP B 34 21.44 17.57 28.83
N GLU B 35 21.60 18.41 29.85
CA GLU B 35 21.27 17.93 31.19
C GLU B 35 19.76 17.93 31.35
N GLN B 36 19.10 18.96 30.80
CA GLN B 36 17.65 19.10 30.85
C GLN B 36 16.96 18.00 30.05
N GLN B 37 17.57 17.58 28.92
CA GLN B 37 17.01 16.46 28.17
C GLN B 37 16.96 15.20 29.03
N ARG B 38 18.01 14.95 29.81
CA ARG B 38 17.96 13.88 30.81
C ARG B 38 16.77 14.05 31.75
N LYS B 39 16.61 15.27 32.30
CA LYS B 39 15.45 15.61 33.11
C LYS B 39 14.16 15.11 32.47
N ARG B 40 13.85 15.58 31.26
CA ARG B 40 12.54 15.27 30.70
C ARG B 40 12.48 13.82 30.25
N LEU B 41 13.60 13.25 29.82
CA LEU B 41 13.67 11.81 29.61
C LEU B 41 13.28 11.06 30.88
N GLU B 42 13.99 11.34 31.97
CA GLU B 42 13.72 10.65 33.24
C GLU B 42 12.30 10.90 33.72
N ALA B 43 11.76 12.11 33.51
CA ALA B 43 10.41 12.33 34.00
C ALA B 43 9.43 11.45 33.23
N PHE B 44 9.70 11.22 31.94
CA PHE B 44 8.96 10.21 31.20
C PHE B 44 9.21 8.82 31.76
N LEU B 45 10.49 8.48 32.01
CA LEU B 45 10.79 7.14 32.50
C LEU B 45 10.41 6.88 33.95
N THR B 46 10.15 7.92 34.74
CA THR B 46 9.46 7.68 36.01
C THR B 46 8.01 7.30 35.77
N GLN B 47 7.34 8.07 34.91
CA GLN B 47 5.97 7.83 34.48
C GLN B 47 5.76 6.51 33.73
N LYS B 48 6.82 5.92 33.18
CA LYS B 48 6.71 4.63 32.49
C LYS B 48 6.09 3.55 33.38
N GLN B 49 6.70 3.31 34.54
CA GLN B 49 6.33 2.24 35.47
C GLN B 49 4.97 2.47 36.12
N LYS B 50 4.37 3.65 35.94
CA LYS B 50 3.08 4.00 36.52
C LYS B 50 1.95 3.12 35.97
N VAL B 51 2.21 2.29 34.97
CA VAL B 51 1.30 1.20 34.60
C VAL B 51 2.13 -0.02 34.27
N GLY B 52 1.52 -1.20 34.44
CA GLY B 52 2.11 -2.47 34.07
C GLY B 52 1.48 -3.26 32.94
N GLU B 53 0.16 -3.33 32.87
CA GLU B 53 -0.54 -4.10 31.85
C GLU B 53 -1.57 -3.24 31.14
N LEU B 54 -1.95 -3.67 29.95
CA LEU B 54 -2.87 -2.93 29.10
C LEU B 54 -3.98 -3.82 28.55
N LYS B 55 -5.17 -3.26 28.46
CA LYS B 55 -6.34 -3.95 27.91
C LYS B 55 -7.30 -2.92 27.35
N ASP B 56 -8.13 -3.38 26.41
CA ASP B 56 -9.01 -2.49 25.65
C ASP B 56 -9.77 -1.55 26.57
N ASP B 57 -10.35 -2.10 27.65
CA ASP B 57 -11.24 -1.37 28.53
C ASP B 57 -10.51 -0.37 29.43
N ASP B 58 -9.17 -0.37 29.42
CA ASP B 58 -8.46 0.66 30.17
C ASP B 58 -8.67 2.04 29.57
N PHE B 59 -9.09 2.10 28.30
CA PHE B 59 -9.01 3.31 27.50
C PHE B 59 -10.43 3.84 27.27
N GLU B 60 -10.59 5.16 27.36
CA GLU B 60 -11.83 5.82 26.97
C GLU B 60 -11.56 6.82 25.85
N LYS B 61 -12.28 6.66 24.74
CA LYS B 61 -12.16 7.56 23.59
C LYS B 61 -12.44 9.00 24.00
N ILE B 62 -11.42 9.85 23.89
CA ILE B 62 -11.54 11.28 24.17
C ILE B 62 -11.95 12.02 22.91
N SER B 63 -11.17 11.88 21.83
CA SER B 63 -11.54 12.49 20.56
C SER B 63 -10.80 11.78 19.43
N GLU B 64 -11.20 12.10 18.20
CA GLU B 64 -10.57 11.56 17.02
C GLU B 64 -9.49 12.51 16.51
N LEU B 65 -8.31 11.96 16.22
CA LEU B 65 -7.18 12.77 15.77
C LEU B 65 -7.16 12.86 14.25
N GLY B 66 -6.95 11.73 13.58
CA GLY B 66 -6.93 11.69 12.12
C GLY B 66 -7.05 10.27 11.61
N ALA B 67 -7.29 10.17 10.30
CA ALA B 67 -7.41 8.89 9.62
C ALA B 67 -6.22 8.68 8.70
N GLY B 68 -5.74 7.43 8.62
CA GLY B 68 -4.64 7.09 7.75
C GLY B 68 -4.76 5.70 7.12
N GLY B 71 -4.24 3.33 9.27
CA GLY B 71 -4.79 3.27 10.62
C GLY B 71 -5.35 4.59 11.10
N VAL B 72 -6.09 4.55 12.20
CA VAL B 72 -6.70 5.74 12.80
C VAL B 72 -6.17 5.88 14.22
N VAL B 73 -5.91 7.12 14.63
CA VAL B 73 -5.33 7.42 15.93
C VAL B 73 -6.32 8.26 16.72
N PHE B 74 -6.53 7.90 17.97
CA PHE B 74 -7.47 8.56 18.85
C PHE B 74 -6.77 9.10 20.08
N LYS B 75 -7.24 10.26 20.54
CA LYS B 75 -6.89 10.75 21.86
C LYS B 75 -7.70 9.95 22.88
N VAL B 76 -7.03 9.35 23.84
CA VAL B 76 -7.68 8.45 24.77
C VAL B 76 -7.27 8.79 26.19
N SER B 77 -8.16 8.44 27.12
CA SER B 77 -7.93 8.52 28.55
C SER B 77 -7.62 7.13 29.07
N HIS B 78 -6.52 7.01 29.79
CA HIS B 78 -6.21 5.76 30.46
C HIS B 78 -6.81 5.87 31.86
N LYS B 79 -7.45 4.80 32.30
CA LYS B 79 -8.17 4.83 33.55
C LYS B 79 -7.38 4.22 34.71
N PRO B 80 -6.73 3.05 34.56
CA PRO B 80 -5.81 2.59 35.61
C PRO B 80 -4.84 3.67 36.09
N SER B 81 -4.48 4.62 35.24
CA SER B 81 -3.53 5.67 35.55
C SER B 81 -3.93 6.95 34.83
N GLY B 82 -3.74 8.08 35.51
CA GLY B 82 -4.21 9.38 35.06
C GLY B 82 -3.61 9.88 33.75
N LEU B 83 -2.60 9.19 33.22
CA LEU B 83 -1.98 9.62 31.97
C LEU B 83 -2.99 9.67 30.83
N VAL B 84 -2.95 10.75 30.07
CA VAL B 84 -3.66 10.85 28.79
C VAL B 84 -2.68 10.49 27.68
N MET B 85 -3.06 9.52 26.86
CA MET B 85 -2.19 8.99 25.81
C MET B 85 -2.86 9.13 24.46
N ALA B 86 -2.08 8.90 23.41
CA ALA B 86 -2.60 8.72 22.05
C ALA B 86 -2.61 7.24 21.67
N ARG B 87 -3.79 6.70 21.37
CA ARG B 87 -3.94 5.31 20.96
C ARG B 87 -4.25 5.32 19.46
N LYS B 88 -3.34 4.77 18.66
CA LYS B 88 -3.54 4.62 17.22
C LYS B 88 -4.04 3.21 16.94
N LEU B 89 -5.08 3.08 16.12
CA LEU B 89 -5.69 1.78 15.85
C LEU B 89 -5.46 1.30 14.42
N ILE B 90 -4.76 0.17 14.26
CA ILE B 90 -4.51 -0.42 12.95
C ILE B 90 -5.30 -1.73 12.89
N HIS B 91 -6.30 -1.80 12.01
CA HIS B 91 -7.12 -3.00 11.87
C HIS B 91 -6.45 -4.11 11.08
N LEU B 92 -6.19 -5.27 11.70
CA LEU B 92 -5.63 -6.39 10.95
C LEU B 92 -6.22 -7.71 11.46
N GLU B 93 -6.62 -8.58 10.53
CA GLU B 93 -7.05 -9.96 10.78
C GLU B 93 -6.01 -10.97 10.28
N ILE B 94 -5.12 -11.42 11.18
CA ILE B 94 -4.02 -12.32 10.83
C ILE B 94 -3.85 -13.25 12.03
N LYS B 95 -3.17 -14.40 11.80
CA LYS B 95 -3.11 -15.43 12.83
C LYS B 95 -2.20 -15.13 14.02
N PRO B 96 -2.58 -15.65 15.21
CA PRO B 96 -1.81 -15.48 16.44
C PRO B 96 -0.32 -15.82 16.40
N ALA B 97 0.08 -16.90 15.72
CA ALA B 97 1.47 -17.32 15.75
C ALA B 97 2.42 -16.29 15.15
N ILE B 98 2.03 -15.66 14.06
CA ILE B 98 2.87 -14.61 13.48
C ILE B 98 2.89 -13.40 14.42
N ARG B 99 1.74 -13.06 15.00
CA ARG B 99 1.60 -11.92 15.90
C ARG B 99 2.58 -11.93 17.05
N ASN B 100 2.87 -13.09 17.65
CA ASN B 100 3.79 -13.00 18.78
C ASN B 100 5.19 -12.60 18.31
N GLN B 101 5.55 -12.96 17.07
CA GLN B 101 6.83 -12.50 16.51
C GLN B 101 6.85 -11.00 16.24
N ILE B 102 5.79 -10.46 15.64
CA ILE B 102 5.74 -9.00 15.44
C ILE B 102 5.84 -8.27 16.77
N ILE B 103 5.09 -8.72 17.78
CA ILE B 103 5.06 -8.03 19.07
C ILE B 103 6.42 -8.11 19.77
N ARG B 104 7.10 -9.27 19.70
CA ARG B 104 8.39 -9.32 20.37
C ARG B 104 9.44 -8.45 19.69
N GLU B 105 9.42 -8.37 18.36
CA GLU B 105 10.24 -7.37 17.68
C GLU B 105 9.84 -5.95 18.09
N LEU B 106 8.53 -5.71 18.21
CA LEU B 106 8.02 -4.39 18.59
C LEU B 106 8.38 -3.99 20.02
N GLN B 107 8.66 -4.95 20.91
CA GLN B 107 9.00 -4.59 22.27
C GLN B 107 10.31 -3.82 22.36
N VAL B 108 11.21 -3.99 21.38
CA VAL B 108 12.45 -3.24 21.32
C VAL B 108 12.20 -1.74 21.30
N LEU B 109 11.05 -1.31 20.76
CA LEU B 109 10.72 0.10 20.69
C LEU B 109 10.59 0.75 22.07
N HIS B 110 10.25 -0.04 23.10
CA HIS B 110 10.31 0.52 24.46
C HIS B 110 11.71 0.94 24.84
N GLU B 111 12.73 0.46 24.12
CA GLU B 111 14.12 0.74 24.45
C GLU B 111 14.57 2.09 23.92
N CYS B 112 14.14 2.47 22.72
CA CYS B 112 14.56 3.76 22.20
C CYS B 112 13.82 4.86 22.93
N ASN B 113 14.58 5.83 23.44
CA ASN B 113 14.02 7.00 24.12
C ASN B 113 14.88 8.19 23.79
N SER B 114 14.25 9.27 23.33
CA SER B 114 14.97 10.44 22.89
C SER B 114 14.05 11.65 23.02
N PRO B 115 14.61 12.84 23.29
CA PRO B 115 13.78 14.06 23.24
C PRO B 115 13.24 14.32 21.85
N TYR B 116 13.73 13.60 20.84
CA TYR B 116 13.32 13.77 19.45
C TYR B 116 12.45 12.60 18.98
N ILE B 117 12.10 11.68 19.88
CA ILE B 117 11.29 10.50 19.56
C ILE B 117 10.11 10.47 20.53
N VAL B 118 8.89 10.39 19.98
CA VAL B 118 7.69 10.26 20.82
C VAL B 118 7.83 9.04 21.73
N GLY B 119 7.53 9.23 23.02
CA GLY B 119 7.61 8.12 23.95
C GLY B 119 6.56 7.06 23.65
N PHE B 120 6.90 5.81 23.94
CA PHE B 120 6.05 4.66 23.66
C PHE B 120 5.68 4.01 24.99
N TYR B 121 4.42 3.58 25.12
CA TYR B 121 3.98 2.95 26.36
C TYR B 121 3.78 1.44 26.29
N GLY B 122 3.39 0.87 25.16
CA GLY B 122 3.23 -0.57 25.13
C GLY B 122 2.44 -1.01 23.92
N ALA B 123 2.46 -2.32 23.68
CA ALA B 123 1.77 -2.88 22.54
C ALA B 123 1.06 -4.13 23.03
N PHE B 124 -0.11 -4.37 22.46
CA PHE B 124 -0.93 -5.53 22.77
C PHE B 124 -1.81 -5.85 21.58
N TYR B 125 -2.47 -7.00 21.65
CA TYR B 125 -3.40 -7.44 20.61
C TYR B 125 -4.77 -7.45 21.25
N SER B 126 -5.78 -6.96 20.53
CA SER B 126 -7.14 -6.97 21.05
C SER B 126 -8.16 -6.78 19.93
N ASP B 127 -9.14 -7.68 19.90
CA ASP B 127 -10.34 -7.62 19.07
C ASP B 127 -10.06 -7.30 17.59
N GLY B 128 -9.12 -8.03 16.99
CA GLY B 128 -8.85 -7.83 15.58
C GLY B 128 -8.03 -6.60 15.23
N GLU B 129 -7.16 -6.15 16.11
CA GLU B 129 -6.36 -4.96 15.85
C GLU B 129 -5.26 -4.78 16.88
N ILE B 130 -4.04 -4.50 16.42
CA ILE B 130 -2.99 -4.06 17.34
C ILE B 130 -3.15 -2.57 17.62
N SER B 131 -3.19 -2.23 18.90
CA SER B 131 -3.21 -0.86 19.39
C SER B 131 -1.79 -0.48 19.81
N ILE B 132 -1.34 0.69 19.37
CA ILE B 132 -0.09 1.27 19.86
C ILE B 132 -0.41 2.57 20.58
N CYS B 133 -0.16 2.58 21.88
CA CYS B 133 -0.42 3.73 22.75
C CYS B 133 0.91 4.45 22.97
N MET B 134 0.92 5.75 22.67
CA MET B 134 2.14 6.54 22.75
C MET B 134 1.85 7.92 23.32
N GLU B 135 2.92 8.68 23.51
CA GLU B 135 2.84 10.06 24.00
C GLU B 135 1.93 10.93 23.13
N HIS B 136 1.03 11.66 23.78
CA HIS B 136 0.14 12.59 23.10
C HIS B 136 0.86 13.93 22.94
N MET B 137 0.96 14.39 21.71
CA MET B 137 1.60 15.66 21.39
C MET B 137 0.50 16.66 21.02
N ASP B 138 0.26 17.63 21.89
CA ASP B 138 -0.93 18.47 21.86
C ASP B 138 -0.98 19.42 20.67
N GLY B 139 0.10 19.57 19.90
CA GLY B 139 0.00 20.38 18.70
C GLY B 139 -0.36 19.65 17.42
N GLY B 140 -0.49 18.34 17.44
CA GLY B 140 -0.71 17.57 16.24
C GLY B 140 0.46 17.49 15.28
N SER B 141 0.13 17.25 14.01
CA SER B 141 1.11 17.09 12.95
C SER B 141 1.37 18.43 12.24
N LEU B 142 2.52 18.48 11.58
CA LEU B 142 2.91 19.67 10.83
C LEU B 142 1.99 19.94 9.65
N ASP B 143 1.31 18.90 9.13
CA ASP B 143 0.31 19.12 8.10
C ASP B 143 -0.86 19.94 8.63
N GLN B 144 -1.40 19.57 9.79
CA GLN B 144 -2.52 20.30 10.35
C GLN B 144 -2.08 21.66 10.90
N VAL B 145 -0.84 21.76 11.39
CA VAL B 145 -0.29 23.06 11.78
C VAL B 145 -0.16 23.96 10.56
N LEU B 146 0.41 23.43 9.47
CA LEU B 146 0.54 24.22 8.24
C LEU B 146 -0.82 24.71 7.75
N LYS B 147 -1.83 23.84 7.77
CA LYS B 147 -3.18 24.24 7.40
C LYS B 147 -3.63 25.47 8.17
N LYS B 148 -3.34 25.50 9.48
CA LYS B 148 -3.74 26.62 10.33
C LYS B 148 -2.90 27.86 10.06
N ALA B 149 -1.59 27.70 9.90
CA ALA B 149 -0.71 28.86 9.70
C ALA B 149 -0.73 29.40 8.29
N GLY B 150 -0.96 28.56 7.28
CA GLY B 150 -0.80 29.03 5.91
C GLY B 150 0.59 28.77 5.37
N ARG B 151 1.60 29.34 6.00
CA ARG B 151 2.98 29.02 5.69
C ARG B 151 3.76 28.93 6.99
N ILE B 152 4.83 28.14 6.98
CA ILE B 152 5.72 27.99 8.13
C ILE B 152 6.96 28.85 7.89
N PRO B 153 7.34 29.72 8.84
CA PRO B 153 8.46 30.62 8.57
C PRO B 153 9.80 29.91 8.62
N GLU B 154 10.79 30.55 8.00
CA GLU B 154 12.11 29.94 7.82
C GLU B 154 12.74 29.55 9.16
N GLN B 155 12.55 30.40 10.18
CA GLN B 155 13.26 30.24 11.45
C GLN B 155 12.76 29.04 12.25
N ILE B 156 11.45 28.77 12.21
CA ILE B 156 10.91 27.55 12.80
C ILE B 156 11.49 26.31 12.11
N LEU B 157 11.50 26.32 10.77
CA LEU B 157 12.00 25.18 10.02
C LEU B 157 13.47 24.85 10.29
N GLY B 158 14.25 25.82 10.75
CA GLY B 158 15.60 25.53 11.18
C GLY B 158 15.67 24.63 12.40
N LYS B 159 14.86 24.92 13.42
CA LYS B 159 14.82 24.09 14.62
C LYS B 159 14.29 22.69 14.32
N VAL B 160 13.35 22.57 13.38
CA VAL B 160 12.83 21.26 13.00
C VAL B 160 13.90 20.41 12.34
N SER B 161 14.70 21.01 11.46
CA SER B 161 15.78 20.29 10.80
C SER B 161 16.76 19.68 11.81
N ILE B 162 17.19 20.46 12.81
CA ILE B 162 18.13 19.93 13.79
C ILE B 162 17.52 18.71 14.50
N ALA B 163 16.27 18.83 14.93
CA ALA B 163 15.64 17.72 15.64
C ALA B 163 15.55 16.47 14.77
N VAL B 164 15.20 16.63 13.49
CA VAL B 164 15.11 15.49 12.59
C VAL B 164 16.49 14.87 12.35
N ILE B 165 17.49 15.71 12.09
CA ILE B 165 18.85 15.20 11.86
C ILE B 165 19.34 14.42 13.06
N LYS B 166 19.12 14.95 14.27
CA LYS B 166 19.61 14.25 15.45
C LYS B 166 18.81 12.99 15.73
N GLY B 167 17.51 13.01 15.44
CA GLY B 167 16.73 11.79 15.58
C GLY B 167 17.22 10.68 14.66
N LEU B 168 17.47 11.01 13.39
CA LEU B 168 17.93 10.00 12.46
C LEU B 168 19.33 9.49 12.81
N THR B 169 20.21 10.37 13.27
CA THR B 169 21.53 9.92 13.73
C THR B 169 21.40 8.94 14.88
N TYR B 170 20.58 9.29 15.87
CA TYR B 170 20.29 8.39 16.98
C TYR B 170 19.85 7.02 16.50
N LEU B 171 18.87 6.99 15.60
CA LEU B 171 18.38 5.71 15.10
C LEU B 171 19.47 4.93 14.35
N ARG B 172 20.27 5.63 13.56
CA ARG B 172 21.38 4.94 12.86
C ARG B 172 22.40 4.39 13.85
N GLU B 173 22.89 5.24 14.76
CA GLU B 173 24.03 4.89 15.59
C GLU B 173 23.70 3.91 16.71
N LYS B 174 22.52 4.02 17.32
CA LYS B 174 22.26 3.17 18.48
C LYS B 174 21.48 1.90 18.14
N HIS B 175 20.60 1.93 17.14
CA HIS B 175 19.74 0.79 16.86
C HIS B 175 19.85 0.27 15.43
N LYS B 176 20.66 0.91 14.59
CA LYS B 176 20.86 0.52 13.18
C LYS B 176 19.57 0.46 12.35
N ILE B 177 18.64 1.38 12.57
CA ILE B 177 17.36 1.38 11.87
C ILE B 177 17.23 2.68 11.09
N MET B 178 16.76 2.58 9.84
CA MET B 178 16.26 3.73 9.12
C MET B 178 14.75 3.91 9.34
N HIS B 179 14.29 5.16 9.16
CA HIS B 179 12.89 5.47 9.42
C HIS B 179 11.97 4.89 8.34
N ARG B 180 12.23 5.23 7.08
CA ARG B 180 11.56 4.76 5.86
C ARG B 180 10.26 5.50 5.52
N ASP B 181 9.71 6.33 6.42
CA ASP B 181 8.42 6.97 6.12
C ASP B 181 8.34 8.35 6.79
N VAL B 182 9.35 9.18 6.56
CA VAL B 182 9.38 10.55 7.07
C VAL B 182 8.48 11.45 6.24
N LYS B 183 7.59 12.19 6.89
CA LYS B 183 6.71 13.14 6.20
C LYS B 183 6.03 14.03 7.25
N PRO B 184 5.45 15.17 6.82
CA PRO B 184 4.91 16.15 7.78
C PRO B 184 3.86 15.59 8.74
N SER B 185 3.03 14.64 8.27
CA SER B 185 1.96 14.08 9.09
C SER B 185 2.49 13.26 10.25
N ASN B 186 3.78 12.91 10.22
CA ASN B 186 4.43 12.09 11.24
C ASN B 186 5.45 12.89 12.05
N ILE B 187 5.40 14.21 11.99
CA ILE B 187 6.20 15.09 12.85
C ILE B 187 5.24 15.80 13.79
N LEU B 188 5.37 15.54 15.09
CA LEU B 188 4.46 16.01 16.11
C LEU B 188 5.11 17.08 16.98
N VAL B 189 4.28 17.96 17.53
CA VAL B 189 4.74 19.11 18.32
C VAL B 189 3.90 19.22 19.59
N ASN B 190 4.44 19.94 20.57
CA ASN B 190 3.74 20.16 21.83
C ASN B 190 4.01 21.58 22.32
N SER B 191 3.32 21.96 23.41
CA SER B 191 3.40 23.32 23.93
C SER B 191 4.65 23.57 24.75
N ARG B 192 5.29 22.50 25.23
CA ARG B 192 6.61 22.57 25.84
C ARG B 192 7.70 22.93 24.85
N GLY B 193 7.50 22.70 23.56
CA GLY B 193 8.47 23.07 22.55
C GLY B 193 9.38 21.93 22.12
N GLU B 194 8.97 20.69 22.35
CA GLU B 194 9.70 19.52 21.88
C GLU B 194 9.21 19.12 20.50
N ILE B 195 10.09 18.48 19.73
CA ILE B 195 9.79 18.03 18.38
C ILE B 195 10.19 16.57 18.24
N LYS B 196 9.25 15.71 17.85
CA LYS B 196 9.50 14.27 17.96
C LYS B 196 9.03 13.55 16.71
N LEU B 197 9.81 12.53 16.32
CA LEU B 197 9.53 11.62 15.21
C LEU B 197 8.66 10.42 15.62
N CYS B 198 7.76 10.01 14.73
CA CYS B 198 6.91 8.85 15.00
C CYS B 198 6.95 7.86 13.83
N ASP B 199 6.09 6.84 13.86
CA ASP B 199 5.84 5.91 12.75
C ASP B 199 7.05 5.38 11.98
N PHE B 200 8.20 5.18 12.63
CA PHE B 200 9.33 4.59 11.93
C PHE B 200 9.31 3.06 11.92
N GLY B 201 10.13 2.49 11.01
CA GLY B 201 10.20 1.09 10.65
C GLY B 201 11.02 0.14 11.52
N VAL B 202 10.52 -0.18 12.72
CA VAL B 202 11.26 -1.08 13.62
C VAL B 202 11.19 -2.57 13.27
N SER B 203 10.12 -3.06 12.63
CA SER B 203 9.93 -4.51 12.49
C SER B 203 9.97 -4.97 11.04
N GLY B 204 11.04 -5.67 10.68
CA GLY B 204 11.13 -6.29 9.36
C GLY B 204 10.03 -7.28 9.09
N GLN B 205 9.63 -8.06 10.10
CA GLN B 205 8.54 -9.00 9.88
C GLN B 205 7.22 -8.28 9.64
N LEU B 206 6.98 -7.17 10.35
CA LEU B 206 5.73 -6.44 10.15
C LEU B 206 5.61 -5.84 8.75
N ILE B 207 6.70 -5.27 8.21
CA ILE B 207 6.66 -4.78 6.83
C ILE B 207 6.25 -5.89 5.86
N ASP B 208 6.96 -7.01 5.89
CA ASP B 208 6.64 -8.08 4.96
C ASP B 208 5.23 -8.65 5.19
N SER B 209 4.82 -8.80 6.46
CA SER B 209 3.50 -9.40 6.65
C SER B 209 2.34 -8.51 6.24
N MET B 210 2.52 -7.19 6.18
CA MET B 210 1.41 -6.35 5.74
C MET B 210 1.26 -6.52 4.24
N ALA B 211 0.29 -7.31 3.80
CA ALA B 211 0.09 -7.57 2.39
C ALA B 211 -0.41 -6.32 1.68
N ASN B 212 -1.23 -5.52 2.36
CA ASN B 212 -2.07 -4.50 1.76
C ASN B 212 -1.64 -3.14 2.29
N SER B 213 -0.89 -2.41 1.48
CA SER B 213 -0.39 -1.08 1.83
C SER B 213 -1.30 -0.06 1.19
N PHE B 214 -1.27 1.17 1.71
CA PHE B 214 -2.17 2.20 1.19
C PHE B 214 -1.40 3.37 0.60
N VAL B 215 -1.78 3.76 -0.61
CA VAL B 215 -1.19 4.85 -1.35
C VAL B 215 -2.19 6.01 -1.31
N GLY B 216 -1.69 7.24 -1.34
CA GLY B 216 -2.61 8.36 -1.37
C GLY B 216 -2.23 9.27 -2.51
N THR B 217 -2.33 10.59 -2.27
CA THR B 217 -2.19 11.50 -3.40
C THR B 217 -0.82 12.17 -3.43
N ARG B 218 -0.21 12.33 -2.26
CA ARG B 218 1.14 12.83 -2.10
C ARG B 218 2.10 11.67 -1.85
N SER B 219 3.25 11.68 -2.51
CA SER B 219 4.29 10.71 -2.23
C SER B 219 5.59 11.43 -1.86
N TYR B 220 6.20 10.99 -0.76
CA TYR B 220 7.45 11.56 -0.28
C TYR B 220 8.63 10.59 -0.43
N MET B 221 8.44 9.51 -1.20
CA MET B 221 9.52 8.55 -1.42
C MET B 221 10.57 9.10 -2.37
N SER B 222 11.83 8.78 -2.08
CA SER B 222 12.93 9.23 -2.90
C SER B 222 12.94 8.48 -4.24
N PRO B 223 13.53 9.08 -5.28
CA PRO B 223 13.66 8.37 -6.57
C PRO B 223 14.30 7.00 -6.50
N GLU B 224 15.45 6.86 -5.82
CA GLU B 224 16.13 5.56 -5.77
C GLU B 224 15.23 4.49 -5.16
N ARG B 225 14.44 4.84 -4.14
CA ARG B 225 13.56 3.85 -3.51
C ARG B 225 12.46 3.43 -4.47
N LEU B 226 11.93 4.37 -5.24
CA LEU B 226 10.84 4.09 -6.18
C LEU B 226 11.28 3.16 -7.31
N GLN B 227 12.57 3.15 -7.66
CA GLN B 227 13.04 2.25 -8.69
C GLN B 227 13.49 0.89 -8.16
N GLY B 228 13.30 0.63 -6.86
CA GLY B 228 13.60 -0.70 -6.34
C GLY B 228 15.04 -1.12 -6.25
N THR B 229 15.97 -0.18 -6.10
CA THR B 229 17.37 -0.54 -5.98
C THR B 229 17.79 -0.46 -4.51
N HIS B 230 19.07 -0.66 -4.25
CA HIS B 230 19.52 -0.65 -2.86
C HIS B 230 19.28 0.75 -2.30
N TYR B 231 18.84 0.82 -1.05
CA TYR B 231 18.66 2.12 -0.41
C TYR B 231 19.07 2.08 1.05
N SER B 232 19.30 3.27 1.58
CA SER B 232 19.77 3.45 2.96
C SER B 232 19.04 4.65 3.54
N VAL B 233 19.60 5.21 4.63
CA VAL B 233 19.06 6.41 5.25
C VAL B 233 19.02 7.60 4.29
N GLN B 234 19.79 7.55 3.20
CA GLN B 234 19.79 8.62 2.21
C GLN B 234 18.39 8.91 1.69
N SER B 235 17.56 7.88 1.53
CA SER B 235 16.20 8.09 1.06
C SER B 235 15.38 8.90 2.06
N ASP B 236 15.65 8.72 3.35
CA ASP B 236 15.04 9.54 4.38
C ASP B 236 15.46 11.00 4.26
N ILE B 237 16.71 11.26 3.85
CA ILE B 237 17.18 12.62 3.69
C ILE B 237 16.42 13.33 2.57
N TRP B 238 16.17 12.64 1.46
CA TRP B 238 15.30 13.19 0.43
C TRP B 238 13.93 13.55 1.00
N SER B 239 13.33 12.61 1.73
CA SER B 239 12.00 12.84 2.30
C SER B 239 11.98 14.07 3.21
N MET B 240 13.05 14.28 3.97
CA MET B 240 13.11 15.47 4.81
C MET B 240 13.17 16.74 3.97
N GLY B 241 14.02 16.75 2.94
CA GLY B 241 14.11 17.90 2.06
C GLY B 241 12.78 18.25 1.42
N LEU B 242 12.11 17.25 0.82
CA LEU B 242 10.84 17.51 0.16
C LEU B 242 9.78 17.96 1.16
N SER B 243 9.74 17.35 2.34
CA SER B 243 8.81 17.78 3.38
C SER B 243 9.02 19.24 3.74
N LEU B 244 10.29 19.66 3.84
CA LEU B 244 10.62 21.04 4.19
C LEU B 244 10.13 22.03 3.14
N VAL B 245 10.29 21.71 1.85
CA VAL B 245 9.80 22.61 0.81
C VAL B 245 8.29 22.79 0.92
N GLU B 246 7.54 21.69 1.09
CA GLU B 246 6.10 21.80 1.23
C GLU B 246 5.74 22.78 2.34
N MET B 247 6.35 22.59 3.52
CA MET B 247 6.02 23.42 4.68
C MET B 247 6.51 24.85 4.52
N ALA B 248 7.63 25.05 3.83
CA ALA B 248 8.14 26.41 3.62
C ALA B 248 7.25 27.21 2.70
N VAL B 249 6.68 26.57 1.67
CA VAL B 249 5.89 27.29 0.68
C VAL B 249 4.39 27.12 0.89
N GLY B 250 3.96 26.16 1.71
CA GLY B 250 2.55 26.01 2.01
C GLY B 250 1.79 25.11 1.06
N ARG B 251 2.46 24.48 0.10
CA ARG B 251 1.84 23.60 -0.87
C ARG B 251 2.78 22.45 -1.17
N TYR B 252 2.22 21.26 -1.35
CA TYR B 252 2.98 20.15 -1.89
C TYR B 252 3.56 20.54 -3.24
N PRO B 253 4.88 20.52 -3.42
CA PRO B 253 5.51 21.27 -4.52
C PRO B 253 5.63 20.51 -5.82
N ILE B 254 5.02 19.34 -5.95
CA ILE B 254 5.00 18.59 -7.19
C ILE B 254 3.53 18.47 -7.59
N PRO B 255 3.12 18.92 -8.77
CA PRO B 255 4.00 19.61 -9.73
C PRO B 255 4.26 21.06 -9.32
N PRO B 256 5.39 21.62 -9.77
CA PRO B 256 5.73 23.00 -9.44
C PRO B 256 4.62 23.96 -9.81
N PRO B 257 4.41 24.98 -8.97
CA PRO B 257 3.53 26.08 -9.37
C PRO B 257 4.13 26.89 -10.51
N ASP B 258 3.24 27.54 -11.26
CA ASP B 258 3.68 28.37 -12.36
C ASP B 258 4.20 29.71 -11.82
N ALA B 259 4.82 30.49 -12.72
CA ALA B 259 5.37 31.79 -12.35
C ALA B 259 4.37 32.61 -11.53
N LYS B 260 3.17 32.79 -12.08
CA LYS B 260 2.17 33.66 -11.46
C LYS B 260 1.57 33.04 -10.20
N GLU B 261 1.69 31.71 -10.03
CA GLU B 261 1.19 31.06 -8.83
C GLU B 261 2.11 31.24 -7.64
N LEU B 262 3.42 31.28 -7.85
CA LEU B 262 4.31 31.58 -6.73
C LEU B 262 4.13 33.00 -6.24
N GLU B 263 3.79 33.93 -7.15
CA GLU B 263 3.47 35.28 -6.71
C GLU B 263 2.25 35.28 -5.79
N LEU B 264 1.17 34.62 -6.21
CA LEU B 264 -0.05 34.60 -5.40
C LEU B 264 0.20 33.99 -4.03
N MET B 265 1.16 33.06 -3.94
CA MET B 265 1.45 32.35 -2.69
C MET B 265 2.24 33.23 -1.73
N PRO B 298 -5.71 17.28 -10.18
CA PRO B 298 -6.23 16.37 -11.20
C PRO B 298 -5.11 15.61 -11.93
N MET B 299 -4.29 14.89 -11.18
CA MET B 299 -3.13 14.19 -11.70
C MET B 299 -3.08 12.78 -11.14
N ALA B 300 -2.98 11.80 -12.04
CA ALA B 300 -2.89 10.41 -11.60
C ALA B 300 -1.59 10.14 -10.86
N ILE B 301 -1.62 9.13 -9.98
CA ILE B 301 -0.49 8.85 -9.09
C ILE B 301 0.77 8.54 -9.89
N PHE B 302 0.64 7.79 -10.99
CA PHE B 302 1.82 7.45 -11.78
C PHE B 302 2.46 8.67 -12.42
N GLU B 303 1.65 9.68 -12.78
CA GLU B 303 2.21 10.89 -13.36
C GLU B 303 3.08 11.62 -12.34
N LEU B 304 2.65 11.62 -11.07
CA LEU B 304 3.43 12.24 -10.01
C LEU B 304 4.75 11.51 -9.80
N LEU B 305 4.68 10.18 -9.66
CA LEU B 305 5.87 9.38 -9.40
C LEU B 305 6.89 9.51 -10.54
N ASP B 306 6.43 9.50 -11.79
CA ASP B 306 7.35 9.65 -12.91
C ASP B 306 7.95 11.04 -12.97
N TYR B 307 7.23 12.06 -12.49
CA TYR B 307 7.80 13.38 -12.36
C TYR B 307 8.99 13.36 -11.39
N ILE B 308 8.81 12.74 -10.23
CA ILE B 308 9.88 12.65 -9.25
C ILE B 308 11.12 11.97 -9.83
N VAL B 309 10.91 10.89 -10.59
CA VAL B 309 12.05 10.13 -11.09
C VAL B 309 12.76 10.86 -12.24
N ASN B 310 12.02 11.51 -13.13
CA ASN B 310 12.64 12.01 -14.34
C ASN B 310 12.82 13.52 -14.40
N GLU B 311 11.97 14.30 -13.74
CA GLU B 311 12.13 15.73 -13.86
C GLU B 311 13.08 16.27 -12.79
N PRO B 312 13.62 17.47 -12.98
CA PRO B 312 14.47 18.05 -11.94
C PRO B 312 13.73 18.21 -10.64
N PRO B 313 14.42 18.08 -9.51
CA PRO B 313 13.78 18.16 -8.19
C PRO B 313 13.23 19.57 -7.93
N PRO B 314 12.22 19.69 -7.07
CA PRO B 314 11.75 21.01 -6.68
C PRO B 314 12.84 21.80 -5.95
N LYS B 315 12.74 23.13 -6.03
CA LYS B 315 13.66 24.01 -5.34
C LYS B 315 12.88 25.18 -4.74
N LEU B 316 13.49 25.82 -3.73
CA LEU B 316 12.86 26.99 -3.13
C LEU B 316 12.99 28.22 -4.04
N PRO B 317 12.00 29.12 -4.00
CA PRO B 317 12.14 30.42 -4.67
C PRO B 317 13.31 31.23 -4.12
N SER B 318 13.93 32.01 -5.01
CA SER B 318 15.23 32.60 -4.75
C SER B 318 15.10 33.99 -4.16
N ALA B 319 13.89 34.54 -4.11
CA ALA B 319 13.62 35.87 -3.56
C ALA B 319 13.55 35.87 -2.05
N VAL B 320 12.74 34.98 -1.45
CA VAL B 320 12.21 35.19 -0.12
C VAL B 320 12.94 34.33 0.93
N PHE B 321 14.00 33.64 0.54
CA PHE B 321 14.67 32.75 1.48
C PHE B 321 16.17 32.88 1.37
N SER B 322 16.84 32.70 2.51
CA SER B 322 18.29 32.84 2.61
C SER B 322 18.99 31.78 1.76
N LEU B 323 20.23 32.09 1.37
CA LEU B 323 21.03 31.13 0.60
C LEU B 323 21.34 29.89 1.43
N GLU B 324 21.56 30.05 2.73
CA GLU B 324 21.83 28.87 3.56
C GLU B 324 20.63 27.93 3.53
N PHE B 325 19.43 28.48 3.63
CA PHE B 325 18.23 27.65 3.58
C PHE B 325 18.04 27.03 2.20
N GLN B 326 18.24 27.81 1.13
CA GLN B 326 18.11 27.28 -0.23
C GLN B 326 19.13 26.18 -0.51
N ASP B 327 20.39 26.43 -0.15
CA ASP B 327 21.43 25.43 -0.36
C ASP B 327 21.18 24.15 0.44
N PHE B 328 20.66 24.29 1.66
CA PHE B 328 20.38 23.14 2.51
C PHE B 328 19.39 22.19 1.84
N VAL B 329 18.22 22.69 1.44
CA VAL B 329 17.23 21.83 0.79
C VAL B 329 17.79 21.25 -0.51
N ASN B 330 18.51 22.08 -1.29
CA ASN B 330 19.13 21.59 -2.52
C ASN B 330 20.04 20.39 -2.24
N LYS B 331 20.86 20.46 -1.19
CA LYS B 331 21.71 19.32 -0.86
C LYS B 331 20.89 18.12 -0.43
N CYS B 332 19.70 18.34 0.16
CA CYS B 332 18.84 17.23 0.55
C CYS B 332 18.16 16.58 -0.64
N LEU B 333 17.89 17.34 -1.71
CA LEU B 333 17.08 16.86 -2.82
C LEU B 333 17.90 16.51 -4.06
N ILE B 334 19.22 16.35 -3.92
CA ILE B 334 20.01 15.79 -5.00
C ILE B 334 19.49 14.39 -5.29
N LYS B 335 19.19 14.11 -6.55
CA LYS B 335 18.53 12.85 -6.89
C LYS B 335 19.48 11.67 -6.74
N ASN B 336 20.74 11.82 -7.09
CA ASN B 336 21.72 10.76 -6.87
C ASN B 336 22.03 10.67 -5.39
N PRO B 337 21.60 9.62 -4.68
CA PRO B 337 21.79 9.56 -3.22
C PRO B 337 23.25 9.52 -2.79
N ALA B 338 24.18 9.08 -3.65
CA ALA B 338 25.59 9.14 -3.29
C ALA B 338 26.12 10.57 -3.22
N GLU B 339 25.51 11.50 -3.96
CA GLU B 339 25.94 12.88 -3.91
C GLU B 339 25.10 13.69 -2.93
N ARG B 340 23.88 13.23 -2.65
CA ARG B 340 23.06 13.86 -1.62
C ARG B 340 23.83 13.88 -0.30
N ALA B 341 23.69 14.98 0.42
CA ALA B 341 24.34 15.09 1.72
C ALA B 341 23.91 13.95 2.63
N ASP B 342 24.83 13.53 3.49
CA ASP B 342 24.53 12.59 4.55
C ASP B 342 24.42 13.33 5.88
N LEU B 343 24.02 12.60 6.91
CA LEU B 343 23.77 13.21 8.21
C LEU B 343 24.98 13.97 8.72
N LYS B 344 26.18 13.41 8.51
CA LYS B 344 27.39 14.06 9.00
C LYS B 344 27.60 15.40 8.30
N GLN B 345 27.33 15.47 7.00
CA GLN B 345 27.51 16.72 6.26
C GLN B 345 26.43 17.73 6.66
N LEU B 346 25.20 17.25 6.83
CA LEU B 346 24.08 18.10 7.23
C LEU B 346 24.30 18.74 8.60
N MET B 347 24.81 17.95 9.56
CA MET B 347 25.06 18.48 10.91
C MET B 347 25.96 19.71 10.90
N VAL B 348 26.80 19.87 9.88
CA VAL B 348 27.81 20.92 9.84
C VAL B 348 27.46 22.02 8.86
N HIS B 349 26.33 21.89 8.16
CA HIS B 349 25.90 22.90 7.20
C HIS B 349 25.61 24.24 7.88
N ALA B 350 25.88 25.32 7.14
CA ALA B 350 25.68 26.68 7.65
C ALA B 350 24.27 26.92 8.15
N PHE B 351 23.27 26.38 7.44
CA PHE B 351 21.87 26.55 7.86
C PHE B 351 21.64 26.02 9.26
N ILE B 352 22.22 24.86 9.57
CA ILE B 352 21.99 24.24 10.88
C ILE B 352 22.72 25.03 11.96
N LYS B 353 23.97 25.42 11.70
CA LYS B 353 24.74 26.23 12.65
C LYS B 353 24.03 27.53 12.99
N ARG B 354 23.47 28.22 11.98
CA ARG B 354 22.76 29.46 12.30
C ARG B 354 21.54 29.18 13.17
N SER B 355 20.70 28.22 12.77
CA SER B 355 19.49 27.90 13.52
C SER B 355 19.83 27.46 14.94
N ASP B 356 20.88 26.67 15.10
CA ASP B 356 21.24 26.14 16.42
C ASP B 356 21.57 27.24 17.40
N ALA B 357 22.25 28.30 16.94
CA ALA B 357 22.57 29.45 17.77
C ALA B 357 21.48 30.51 17.85
N GLU B 358 20.36 30.36 17.14
CA GLU B 358 19.33 31.38 17.20
C GLU B 358 18.41 31.19 18.40
N GLU B 359 17.98 32.31 18.97
CA GLU B 359 17.06 32.36 20.10
C GLU B 359 15.64 32.61 19.61
N VAL B 360 14.86 31.55 19.45
CA VAL B 360 13.46 31.64 19.01
C VAL B 360 12.61 30.94 20.06
N ASP B 361 11.63 31.68 20.61
CA ASP B 361 10.63 31.15 21.53
C ASP B 361 9.60 30.37 20.74
N PHE B 362 9.90 29.09 20.51
CA PHE B 362 9.07 28.24 19.67
C PHE B 362 7.69 27.98 20.28
N ALA B 363 7.62 27.74 21.58
CA ALA B 363 6.34 27.56 22.27
C ALA B 363 5.38 28.72 22.01
N GLY B 364 5.87 29.96 22.15
CA GLY B 364 5.01 31.11 21.93
C GLY B 364 4.44 31.21 20.52
N TRP B 365 5.28 30.98 19.51
CA TRP B 365 4.78 30.98 18.13
C TRP B 365 3.70 29.90 17.93
N LEU B 366 3.94 28.69 18.45
CA LEU B 366 3.00 27.60 18.25
C LEU B 366 1.66 27.91 18.91
N CYS B 367 1.70 28.31 20.18
CA CYS B 367 0.50 28.60 20.95
C CYS B 367 -0.32 29.71 20.31
N SER B 368 0.33 30.77 19.84
CA SER B 368 -0.38 31.89 19.23
C SER B 368 -0.94 31.60 17.84
N THR B 369 -0.28 30.78 17.01
CA THR B 369 -0.94 30.53 15.72
C THR B 369 -2.03 29.47 15.83
N ILE B 370 -1.89 28.52 16.76
CA ILE B 370 -2.87 27.43 16.90
C ILE B 370 -3.99 27.82 17.85
N GLY B 371 -3.88 28.98 18.50
CA GLY B 371 -4.89 29.48 19.42
C GLY B 371 -4.92 28.58 20.64
N LEU B 372 -3.73 28.36 21.20
CA LEU B 372 -3.50 27.65 22.45
C LEU B 372 -4.28 26.34 22.53
#